data_6RPU
#
_entry.id   6RPU
#
_cell.length_a   148.538
_cell.length_b   148.538
_cell.length_c   103.828
_cell.angle_alpha   90.00
_cell.angle_beta   90.00
_cell.angle_gamma   90.00
#
_symmetry.space_group_name_H-M   'I 4 2 2'
#
loop_
_entity.id
_entity.type
_entity.pdbx_description
1 polymer "Inosine-5'-monophosphate dehydrogenase"
2 non-polymer "P1-(5'-ADENOSYL)-P5-(5'-GUANOSYL) PENTAPHOSPHATE"
3 non-polymer "GUANOSINE-5'-DIPHOSPHATE"
4 non-polymer 'ACETATE ION'
5 water water
#
_entity_poly.entity_id   1
_entity_poly.type   'polypeptide(L)'
_entity_poly.pdbx_seq_one_letter_code
;MTYRDAATALEHLATYAEKDGLSVEQLMDSKTRGGLTYNDFLVLPGKIDFPSSEVVLSSRLTKKITLNAPFVSSPMDTVT
EADMAIHMALLGGIGIIHHNCTAEEQAEMVRRVKKYENGFINAPVVVGPDATVADVRRMKNEFGFAGFPVTDDGKPTGKL
QGIITSRDIQFVEDETLLVSEIMTKDVITGKQGINLEEANQILKNTKKGKLPIVDEAGCLVSMLSRTDLMKNQSYPLASK
SADTKQLLCGAAIGTIDADRQRLAMLVEAGLDVVVLDSSQGNSVFQINMIKWIKETFPDLQVIAGNVVTREQAASLIHAG
ADGLRIGMGSGSICITQEVMACGRPQGTAVYNVTQFANQFGVPCIADGGVQNIGHITKAIALGASTVMMGGMLAGTTESP
GEYFFRDGKRLKTYRGMGSIDAMQKTDVKGNAATSRYFSESDKVLVAQGVTGSVIDKGSIKKYIPYLYNGLQHSCQDIGV
RSLVEFREKVDSGSVRFEFRTPSAQLEGGVHNLHSYEKRLFD
;
_entity_poly.pdbx_strand_id   A
#
# COMPACT_ATOMS: atom_id res chain seq x y z
N TYR A 3 -20.14 -52.76 12.86
CA TYR A 3 -19.54 -51.46 12.48
C TYR A 3 -18.07 -51.42 12.92
N ARG A 4 -17.29 -50.50 12.33
CA ARG A 4 -15.84 -50.32 12.60
C ARG A 4 -15.67 -49.63 13.94
N ASP A 5 -14.52 -49.84 14.60
CA ASP A 5 -14.19 -49.23 15.91
C ASP A 5 -13.87 -47.75 15.67
N ALA A 6 -14.22 -46.88 16.62
CA ALA A 6 -14.02 -45.42 16.58
C ALA A 6 -12.53 -45.05 16.57
N ALA A 7 -11.70 -45.86 17.26
CA ALA A 7 -10.24 -45.66 17.42
C ALA A 7 -9.48 -45.93 16.13
N THR A 8 -10.14 -46.56 15.14
CA THR A 8 -9.55 -46.96 13.83
C THR A 8 -9.90 -45.97 12.72
N ALA A 9 -10.55 -44.84 13.05
CA ALA A 9 -11.02 -43.85 12.06
C ALA A 9 -9.85 -43.21 11.30
N LEU A 10 -8.84 -42.71 12.02
CA LEU A 10 -7.65 -42.06 11.43
C LEU A 10 -6.87 -43.08 10.60
N GLU A 11 -6.71 -44.31 11.12
CA GLU A 11 -5.99 -45.42 10.43
C GLU A 11 -6.72 -45.77 9.12
N HIS A 12 -8.05 -45.92 9.18
CA HIS A 12 -8.94 -46.25 8.03
C HIS A 12 -8.97 -45.11 7.00
N LEU A 13 -8.72 -43.88 7.47
CA LEU A 13 -8.72 -42.62 6.67
C LEU A 13 -7.65 -42.71 5.57
N ALA A 14 -6.53 -43.36 5.86
CA ALA A 14 -5.39 -43.54 4.93
C ALA A 14 -5.73 -44.53 3.81
N THR A 15 -6.78 -45.33 4.01
CA THR A 15 -7.26 -46.40 3.08
C THR A 15 -7.62 -45.80 1.71
N TYR A 16 -8.22 -44.60 1.72
CA TYR A 16 -8.68 -43.91 0.48
C TYR A 16 -7.46 -43.54 -0.38
N ALA A 17 -7.60 -43.68 -1.70
CA ALA A 17 -6.54 -43.44 -2.71
C ALA A 17 -6.11 -41.97 -2.69
N GLU A 18 -7.07 -41.04 -2.63
CA GLU A 18 -6.78 -39.59 -2.59
C GLU A 18 -7.64 -38.91 -1.50
N LYS A 19 -7.18 -37.75 -1.05
CA LYS A 19 -7.81 -36.89 -0.01
C LYS A 19 -9.18 -36.45 -0.52
N ASP A 20 -10.12 -36.18 0.40
CA ASP A 20 -11.48 -35.72 0.05
C ASP A 20 -11.35 -34.34 -0.61
N GLY A 21 -12.13 -34.08 -1.67
CA GLY A 21 -12.08 -32.82 -2.41
C GLY A 21 -11.15 -32.93 -3.60
N LEU A 22 -10.90 -31.79 -4.26
CA LEU A 22 -10.04 -31.69 -5.45
C LEU A 22 -8.80 -30.87 -5.13
N SER A 23 -7.66 -31.25 -5.69
CA SER A 23 -6.40 -30.47 -5.57
C SER A 23 -6.53 -29.25 -6.49
N VAL A 24 -5.64 -28.26 -6.36
CA VAL A 24 -5.73 -27.03 -7.20
C VAL A 24 -5.52 -27.42 -8.67
N GLU A 25 -4.58 -28.33 -8.94
CA GLU A 25 -4.27 -28.82 -10.31
C GLU A 25 -5.49 -29.49 -10.93
N GLN A 26 -6.20 -30.32 -10.16
CA GLN A 26 -7.42 -31.05 -10.59
C GLN A 26 -8.56 -30.07 -10.88
N LEU A 27 -8.79 -29.10 -9.99
CA LEU A 27 -9.88 -28.10 -10.11
C LEU A 27 -9.67 -27.19 -11.32
N MET A 28 -8.46 -26.68 -11.51
CA MET A 28 -8.11 -25.75 -12.63
C MET A 28 -7.75 -26.56 -13.88
N ASP A 29 -8.74 -27.22 -14.48
CA ASP A 29 -8.59 -28.02 -15.72
C ASP A 29 -9.36 -27.31 -16.86
N SER A 30 -8.64 -26.70 -17.81
CA SER A 30 -9.24 -25.98 -18.96
C SER A 30 -9.98 -26.95 -19.89
N LYS A 31 -9.43 -28.15 -20.08
CA LYS A 31 -9.97 -29.20 -20.98
C LYS A 31 -11.29 -29.78 -20.48
N THR A 32 -11.44 -30.04 -19.18
CA THR A 32 -12.63 -30.69 -18.60
C THR A 32 -13.65 -29.69 -18.01
N ARG A 33 -13.24 -28.82 -17.09
CA ARG A 33 -14.16 -27.85 -16.43
C ARG A 33 -14.21 -26.51 -17.14
N GLY A 34 -13.26 -26.21 -18.03
CA GLY A 34 -13.21 -24.95 -18.78
C GLY A 34 -12.65 -23.81 -17.94
N GLY A 35 -12.84 -22.57 -18.38
CA GLY A 35 -12.38 -21.38 -17.65
C GLY A 35 -13.25 -21.16 -16.44
N LEU A 36 -12.65 -20.93 -15.27
CA LEU A 36 -13.40 -20.78 -13.99
C LEU A 36 -13.22 -19.36 -13.43
N THR A 37 -14.13 -18.99 -12.53
CA THR A 37 -14.18 -17.71 -11.78
C THR A 37 -14.17 -18.05 -10.28
N TYR A 38 -14.09 -17.05 -9.41
CA TYR A 38 -14.03 -17.20 -7.93
C TYR A 38 -15.31 -17.86 -7.41
N ASN A 39 -16.46 -17.48 -7.96
CA ASN A 39 -17.81 -17.98 -7.56
C ASN A 39 -18.01 -19.46 -7.96
N ASP A 40 -17.28 -19.93 -8.97
CA ASP A 40 -17.40 -21.29 -9.55
C ASP A 40 -16.90 -22.38 -8.60
N PHE A 41 -16.04 -22.06 -7.63
CA PHE A 41 -15.45 -23.07 -6.72
C PHE A 41 -15.40 -22.58 -5.27
N LEU A 42 -15.17 -23.51 -4.36
CA LEU A 42 -15.03 -23.28 -2.89
C LEU A 42 -13.78 -24.02 -2.41
N VAL A 43 -13.21 -23.59 -1.29
CA VAL A 43 -12.01 -24.23 -0.65
C VAL A 43 -12.54 -24.96 0.58
N LEU A 44 -12.26 -26.26 0.71
CA LEU A 44 -12.77 -27.10 1.82
C LEU A 44 -12.05 -26.76 3.14
N PRO A 45 -12.74 -26.87 4.29
CA PRO A 45 -12.13 -26.60 5.60
C PRO A 45 -11.15 -27.71 5.99
N GLY A 46 -10.19 -27.43 6.87
CA GLY A 46 -9.19 -28.43 7.28
C GLY A 46 -9.23 -28.68 8.78
N LYS A 47 -8.12 -28.47 9.48
CA LYS A 47 -8.00 -28.66 10.96
C LYS A 47 -7.71 -27.31 11.63
N ILE A 48 -8.47 -26.93 12.67
CA ILE A 48 -8.27 -25.64 13.41
C ILE A 48 -7.56 -25.93 14.74
N ASP A 49 -6.27 -25.65 14.83
CA ASP A 49 -5.47 -25.84 16.07
C ASP A 49 -4.90 -24.49 16.55
N PHE A 50 -5.34 -23.38 15.97
CA PHE A 50 -4.84 -22.03 16.33
C PHE A 50 -5.99 -21.02 16.37
N PRO A 51 -5.86 -19.90 17.13
CA PRO A 51 -6.87 -18.84 17.11
C PRO A 51 -6.71 -18.07 15.79
N SER A 52 -7.75 -17.32 15.38
CA SER A 52 -7.78 -16.49 14.16
C SER A 52 -6.84 -15.29 14.32
N SER A 53 -6.58 -14.91 15.58
CA SER A 53 -5.72 -13.80 16.03
C SER A 53 -4.27 -14.02 15.57
N GLU A 54 -3.82 -15.28 15.62
CA GLU A 54 -2.43 -15.71 15.30
C GLU A 54 -2.15 -15.68 13.80
N VAL A 55 -3.16 -15.51 12.95
CA VAL A 55 -3.00 -15.54 11.48
C VAL A 55 -2.19 -14.31 11.04
N VAL A 56 -1.18 -14.50 10.17
CA VAL A 56 -0.30 -13.42 9.64
C VAL A 56 -0.69 -13.18 8.17
N LEU A 57 -1.03 -11.94 7.81
CA LEU A 57 -1.52 -11.57 6.45
C LEU A 57 -0.46 -10.83 5.65
N SER A 58 0.82 -10.95 6.02
CA SER A 58 1.92 -10.25 5.31
C SER A 58 1.95 -10.77 3.87
N SER A 59 1.89 -9.88 2.89
CA SER A 59 1.85 -10.19 1.43
C SER A 59 2.96 -9.41 0.71
N ARG A 60 3.52 -10.00 -0.36
CA ARG A 60 4.62 -9.38 -1.16
C ARG A 60 4.02 -8.67 -2.37
N LEU A 61 3.97 -7.33 -2.37
CA LEU A 61 3.43 -6.49 -3.48
C LEU A 61 4.35 -6.63 -4.69
N THR A 62 5.66 -6.54 -4.44
CA THR A 62 6.77 -6.69 -5.41
C THR A 62 7.83 -7.58 -4.77
N LYS A 63 8.90 -7.89 -5.50
CA LYS A 63 10.01 -8.75 -5.01
C LYS A 63 10.72 -8.06 -3.83
N LYS A 64 10.81 -6.73 -3.85
CA LYS A 64 11.51 -5.93 -2.80
C LYS A 64 10.53 -5.26 -1.84
N ILE A 65 9.22 -5.33 -2.08
CA ILE A 65 8.21 -4.67 -1.20
C ILE A 65 7.29 -5.73 -0.59
N THR A 66 7.06 -5.69 0.72
CA THR A 66 6.17 -6.62 1.45
C THR A 66 5.13 -5.78 2.21
N LEU A 67 3.86 -6.20 2.21
CA LEU A 67 2.75 -5.49 2.91
C LEU A 67 2.17 -6.37 4.01
N ASN A 68 1.67 -5.74 5.08
CA ASN A 68 1.04 -6.42 6.24
C ASN A 68 -0.29 -7.05 5.82
N ALA A 69 -1.11 -6.30 5.08
CA ALA A 69 -2.41 -6.78 4.58
C ALA A 69 -2.32 -6.80 3.05
N PRO A 70 -2.75 -7.86 2.34
CA PRO A 70 -2.62 -7.90 0.88
C PRO A 70 -3.75 -7.17 0.17
N PHE A 71 -4.00 -5.91 0.53
CA PHE A 71 -5.06 -5.06 -0.05
C PHE A 71 -4.43 -3.91 -0.85
N VAL A 72 -4.72 -3.79 -2.15
CA VAL A 72 -4.17 -2.73 -3.04
C VAL A 72 -5.34 -1.95 -3.63
N SER A 73 -5.31 -0.61 -3.56
CA SER A 73 -6.36 0.27 -4.13
C SER A 73 -6.07 0.44 -5.62
N SER A 74 -7.09 0.34 -6.47
CA SER A 74 -6.97 0.43 -7.95
C SER A 74 -6.66 1.87 -8.38
N PRO A 75 -5.83 2.07 -9.43
CA PRO A 75 -5.51 3.41 -9.90
C PRO A 75 -6.63 3.87 -10.84
N MET A 76 -7.78 4.21 -10.23
CA MET A 76 -9.01 4.68 -10.94
C MET A 76 -9.35 6.07 -10.41
N ASP A 77 -9.90 6.94 -11.26
CA ASP A 77 -10.27 8.34 -10.93
C ASP A 77 -11.27 8.35 -9.77
N THR A 78 -12.16 7.35 -9.73
CA THR A 78 -13.25 7.22 -8.73
C THR A 78 -12.83 6.45 -7.49
N VAL A 79 -11.61 5.89 -7.45
CA VAL A 79 -11.17 5.05 -6.30
C VAL A 79 -9.97 5.64 -5.54
N THR A 80 -8.80 5.73 -6.17
CA THR A 80 -7.55 6.10 -5.47
C THR A 80 -7.07 7.54 -5.75
N GLU A 81 -6.95 8.35 -4.70
CA GLU A 81 -6.42 9.73 -4.69
C GLU A 81 -5.47 9.84 -3.47
N ALA A 82 -5.02 11.05 -3.13
CA ALA A 82 -4.08 11.30 -2.02
C ALA A 82 -4.68 10.76 -0.71
N ASP A 83 -5.96 11.03 -0.46
CA ASP A 83 -6.66 10.61 0.78
C ASP A 83 -6.77 9.08 0.85
N MET A 84 -7.21 8.44 -0.24
CA MET A 84 -7.39 6.98 -0.32
C MET A 84 -6.05 6.24 -0.20
N ALA A 85 -5.01 6.75 -0.86
CA ALA A 85 -3.66 6.15 -0.86
C ALA A 85 -3.06 6.19 0.54
N ILE A 86 -3.18 7.32 1.24
CA ILE A 86 -2.63 7.52 2.61
C ILE A 86 -3.25 6.53 3.60
N HIS A 87 -4.58 6.46 3.65
CA HIS A 87 -5.36 5.59 4.57
C HIS A 87 -5.11 4.11 4.26
N MET A 88 -4.97 3.75 2.98
CA MET A 88 -4.71 2.35 2.54
C MET A 88 -3.35 1.91 3.07
N ALA A 89 -2.34 2.79 2.95
CA ALA A 89 -0.96 2.56 3.44
C ALA A 89 -0.95 2.49 4.97
N LEU A 90 -1.76 3.36 5.61
CA LEU A 90 -1.91 3.51 7.08
C LEU A 90 -2.51 2.25 7.69
N LEU A 91 -3.37 1.56 6.94
CA LEU A 91 -4.08 0.33 7.38
C LEU A 91 -3.31 -0.95 7.02
N GLY A 92 -2.05 -0.82 6.59
CA GLY A 92 -1.21 -1.98 6.20
C GLY A 92 -1.33 -2.34 4.72
N GLY A 93 -1.99 -1.49 3.94
CA GLY A 93 -2.22 -1.67 2.49
C GLY A 93 -1.65 -0.50 1.72
N ILE A 94 -1.57 -0.61 0.39
CA ILE A 94 -1.01 0.45 -0.48
C ILE A 94 -2.08 0.86 -1.50
N GLY A 95 -2.01 2.12 -1.95
CA GLY A 95 -2.92 2.71 -2.95
C GLY A 95 -2.13 3.18 -4.15
N ILE A 96 -2.60 2.91 -5.37
CA ILE A 96 -1.93 3.33 -6.63
C ILE A 96 -2.68 4.57 -7.13
N ILE A 97 -2.02 5.73 -7.22
CA ILE A 97 -2.66 7.01 -7.62
C ILE A 97 -3.05 6.93 -9.11
N HIS A 98 -4.26 7.38 -9.47
CA HIS A 98 -4.78 7.40 -10.85
C HIS A 98 -3.98 8.42 -11.67
N HIS A 99 -3.71 8.11 -12.93
CA HIS A 99 -2.95 8.94 -13.88
C HIS A 99 -3.89 9.74 -14.77
N ASN A 100 -5.19 9.75 -14.46
CA ASN A 100 -6.23 10.47 -15.25
C ASN A 100 -6.22 11.93 -14.78
N CYS A 101 -5.07 12.57 -14.94
CA CYS A 101 -4.78 13.97 -14.54
C CYS A 101 -3.44 14.39 -15.14
N THR A 102 -3.08 15.66 -14.97
CA THR A 102 -1.80 16.22 -15.48
C THR A 102 -0.66 15.61 -14.66
N ALA A 103 0.56 15.66 -15.18
CA ALA A 103 1.76 15.10 -14.50
C ALA A 103 1.98 15.86 -13.20
N GLU A 104 1.85 17.19 -13.24
CA GLU A 104 2.03 18.08 -12.07
C GLU A 104 1.01 17.71 -10.98
N GLU A 105 -0.26 17.53 -11.36
CA GLU A 105 -1.37 17.19 -10.44
C GLU A 105 -1.12 15.83 -9.79
N GLN A 106 -0.75 14.83 -10.59
CA GLN A 106 -0.48 13.44 -10.11
C GLN A 106 0.76 13.43 -9.22
N ALA A 107 1.80 14.19 -9.58
CA ALA A 107 3.08 14.27 -8.85
C ALA A 107 2.83 14.83 -7.44
N GLU A 108 1.95 15.82 -7.34
CA GLU A 108 1.57 16.50 -6.08
C GLU A 108 0.87 15.51 -5.14
N MET A 109 0.03 14.64 -5.70
CA MET A 109 -0.76 13.63 -4.94
C MET A 109 0.21 12.63 -4.29
N VAL A 110 1.25 12.22 -5.01
CA VAL A 110 2.31 11.30 -4.51
C VAL A 110 3.06 12.00 -3.37
N ARG A 111 3.37 13.28 -3.56
CA ARG A 111 4.10 14.14 -2.59
C ARG A 111 3.31 14.25 -1.28
N ARG A 112 1.98 14.45 -1.37
CA ARG A 112 1.08 14.60 -0.20
C ARG A 112 1.06 13.30 0.62
N VAL A 113 0.99 12.15 -0.04
CA VAL A 113 0.97 10.81 0.61
C VAL A 113 2.32 10.56 1.30
N LYS A 114 3.42 10.93 0.64
CA LYS A 114 4.81 10.73 1.12
C LYS A 114 5.08 11.57 2.38
N LYS A 115 4.47 12.76 2.48
CA LYS A 115 4.70 13.72 3.58
C LYS A 115 3.60 13.67 4.66
N TYR A 116 2.61 12.79 4.56
CA TYR A 116 1.52 12.72 5.55
C TYR A 116 2.08 12.33 6.92
N GLU A 117 2.99 11.34 6.94
CA GLU A 117 3.69 10.86 8.16
C GLU A 117 5.21 10.90 7.90
N ASN A 118 6.01 11.43 8.84
CA ASN A 118 7.49 11.52 8.70
C ASN A 118 8.19 11.25 10.03
N GLY A 119 9.39 10.65 9.98
CA GLY A 119 10.25 10.43 11.16
C GLY A 119 11.10 11.67 11.39
N PHE A 120 11.75 12.13 10.31
CA PHE A 120 12.54 13.38 10.22
C PHE A 120 11.88 14.20 9.11
N ILE A 121 11.38 15.40 9.40
CA ILE A 121 10.74 16.26 8.37
C ILE A 121 11.87 16.92 7.58
N ASN A 122 11.81 16.87 6.25
CA ASN A 122 12.82 17.42 5.31
C ASN A 122 12.28 18.73 4.74
N ALA A 123 13.10 19.78 4.69
CA ALA A 123 12.69 21.09 4.16
C ALA A 123 11.37 21.50 4.83
N PRO A 124 11.29 21.52 6.19
CA PRO A 124 10.04 21.83 6.87
C PRO A 124 9.58 23.25 6.52
N VAL A 125 8.26 23.47 6.47
CA VAL A 125 7.68 24.80 6.12
C VAL A 125 8.07 25.77 7.25
N VAL A 126 8.60 26.94 6.90
CA VAL A 126 9.05 27.97 7.87
C VAL A 126 8.43 29.32 7.49
N VAL A 127 8.37 30.25 8.43
CA VAL A 127 7.75 31.60 8.24
C VAL A 127 8.80 32.66 8.60
N GLY A 128 8.69 33.85 8.02
CA GLY A 128 9.60 34.97 8.27
C GLY A 128 9.26 35.67 9.58
N PRO A 129 10.21 36.41 10.20
CA PRO A 129 9.97 37.14 11.43
C PRO A 129 8.97 38.29 11.25
N ASP A 130 8.92 38.82 10.02
CA ASP A 130 8.06 39.96 9.62
C ASP A 130 6.70 39.48 9.09
N ALA A 131 6.48 38.16 9.06
CA ALA A 131 5.23 37.55 8.57
C ALA A 131 4.11 37.92 9.54
N THR A 132 2.94 38.32 9.02
CA THR A 132 1.77 38.72 9.82
C THR A 132 1.10 37.46 10.39
N VAL A 133 0.32 37.61 11.46
CA VAL A 133 -0.44 36.50 12.13
C VAL A 133 -1.43 35.93 11.12
N ALA A 134 -2.02 36.79 10.29
CA ALA A 134 -3.02 36.44 9.26
C ALA A 134 -2.37 35.54 8.21
N ASP A 135 -1.10 35.84 7.86
CA ASP A 135 -0.32 35.09 6.85
C ASP A 135 -0.11 33.65 7.34
N VAL A 136 0.16 33.48 8.64
CA VAL A 136 0.36 32.14 9.27
C VAL A 136 -0.95 31.36 9.17
N ARG A 137 -2.09 32.02 9.43
CA ARG A 137 -3.45 31.43 9.36
C ARG A 137 -3.75 31.04 7.90
N ARG A 138 -3.33 31.88 6.96
CA ARG A 138 -3.51 31.68 5.49
C ARG A 138 -2.70 30.46 5.06
N MET A 139 -1.50 30.29 5.64
CA MET A 139 -0.56 29.17 5.38
C MET A 139 -1.13 27.85 5.90
N LYS A 140 -1.78 27.86 7.07
CA LYS A 140 -2.32 26.63 7.71
C LYS A 140 -3.37 25.98 6.81
N ASN A 141 -4.32 26.76 6.28
CA ASN A 141 -5.39 26.24 5.40
C ASN A 141 -4.73 25.73 4.11
N GLU A 142 -3.76 26.47 3.59
CA GLU A 142 -3.02 26.14 2.35
C GLU A 142 -2.16 24.88 2.51
N PHE A 143 -1.38 24.79 3.59
CA PHE A 143 -0.49 23.63 3.88
C PHE A 143 -1.23 22.54 4.67
N GLY A 144 -2.20 22.92 5.49
CA GLY A 144 -3.00 22.02 6.34
C GLY A 144 -2.42 21.81 7.73
N PHE A 145 -1.25 22.39 8.02
CA PHE A 145 -0.56 22.32 9.35
C PHE A 145 -0.17 23.74 9.77
N ALA A 146 -0.19 24.02 11.07
CA ALA A 146 0.12 25.35 11.65
C ALA A 146 1.40 25.36 12.50
N GLY A 147 2.13 24.24 12.59
CA GLY A 147 3.38 24.18 13.38
C GLY A 147 4.56 24.58 12.52
N PHE A 148 4.83 25.88 12.42
CA PHE A 148 5.91 26.46 11.57
C PHE A 148 7.03 27.11 12.40
N PRO A 149 8.30 26.65 12.26
CA PRO A 149 9.43 27.28 12.93
C PRO A 149 9.71 28.62 12.23
N VAL A 150 10.35 29.56 12.92
CA VAL A 150 10.68 30.91 12.37
C VAL A 150 12.20 30.96 12.09
N THR A 151 12.58 31.44 10.90
CA THR A 151 13.99 31.61 10.46
C THR A 151 14.18 33.09 10.11
N ASP A 152 15.40 33.62 10.29
CA ASP A 152 15.71 35.07 10.10
C ASP A 152 15.50 35.48 8.64
N ASP A 153 15.93 34.67 7.67
CA ASP A 153 15.82 34.98 6.22
C ASP A 153 14.52 34.44 5.61
N GLY A 154 13.73 33.67 6.37
CA GLY A 154 12.47 33.08 5.89
C GLY A 154 12.73 31.84 5.03
N LYS A 155 13.94 31.29 5.07
CA LYS A 155 14.39 30.13 4.26
C LYS A 155 14.44 28.90 5.17
N PRO A 156 14.16 27.69 4.65
CA PRO A 156 14.09 26.47 5.47
C PRO A 156 15.38 26.18 6.25
N THR A 157 16.54 26.59 5.70
CA THR A 157 17.89 26.36 6.25
C THR A 157 18.45 27.60 6.96
N GLY A 158 17.60 28.60 7.22
CA GLY A 158 17.98 29.86 7.88
C GLY A 158 18.21 29.65 9.36
N LYS A 159 18.78 30.64 10.05
CA LYS A 159 19.04 30.57 11.51
C LYS A 159 17.67 30.49 12.20
N LEU A 160 17.54 29.64 13.22
CA LEU A 160 16.24 29.43 13.92
C LEU A 160 16.04 30.51 14.99
N GLN A 161 15.01 31.37 14.88
CA GLN A 161 14.70 32.43 15.88
C GLN A 161 13.51 32.04 16.77
N GLY A 162 12.87 30.88 16.53
CA GLY A 162 11.71 30.43 17.32
C GLY A 162 10.72 29.62 16.49
N ILE A 163 9.60 29.20 17.10
CA ILE A 163 8.53 28.39 16.46
C ILE A 163 7.15 28.96 16.84
N ILE A 164 6.21 28.96 15.90
CA ILE A 164 4.80 29.43 16.09
C ILE A 164 3.87 28.25 15.79
N THR A 165 2.87 28.01 16.63
CA THR A 165 1.92 26.87 16.51
C THR A 165 0.48 27.38 16.58
N SER A 166 -0.49 26.48 16.40
CA SER A 166 -1.95 26.73 16.39
C SER A 166 -2.42 27.34 17.72
N ARG A 167 -1.89 26.86 18.84
CA ARG A 167 -2.24 27.31 20.21
C ARG A 167 -1.82 28.78 20.40
N ASP A 168 -0.74 29.19 19.75
CA ASP A 168 -0.16 30.57 19.83
C ASP A 168 -1.10 31.61 19.21
N ILE A 169 -1.66 31.32 18.03
CA ILE A 169 -2.53 32.24 17.24
C ILE A 169 -4.01 31.84 17.34
N GLN A 170 -4.35 30.88 18.21
CA GLN A 170 -5.72 30.31 18.31
C GLN A 170 -6.75 31.37 18.75
N PHE A 171 -6.43 32.18 19.76
CA PHE A 171 -7.32 33.23 20.32
C PHE A 171 -6.65 34.60 20.24
N VAL A 172 -6.02 34.92 19.10
CA VAL A 172 -5.34 36.24 18.91
C VAL A 172 -6.36 37.23 18.33
N GLU A 173 -6.71 38.27 19.10
CA GLU A 173 -7.70 39.31 18.72
C GLU A 173 -7.18 40.14 17.54
N ASP A 174 -5.88 40.49 17.55
CA ASP A 174 -5.25 41.31 16.48
C ASP A 174 -4.60 40.37 15.45
N GLU A 175 -5.02 40.47 14.18
CA GLU A 175 -4.52 39.64 13.05
C GLU A 175 -3.39 40.34 12.29
N THR A 176 -3.07 41.59 12.63
CA THR A 176 -2.02 42.41 11.96
C THR A 176 -0.68 42.29 12.69
N LEU A 177 -0.63 41.56 13.81
CA LEU A 177 0.60 41.41 14.63
C LEU A 177 1.62 40.55 13.88
N LEU A 178 2.92 40.78 14.13
CA LEU A 178 4.02 40.01 13.50
C LEU A 178 4.18 38.68 14.26
N VAL A 179 4.79 37.67 13.62
CA VAL A 179 5.04 36.32 14.18
C VAL A 179 6.04 36.41 15.34
N SER A 180 7.01 37.32 15.23
CA SER A 180 8.13 37.51 16.19
C SER A 180 7.59 37.83 17.58
N GLU A 181 6.58 38.69 17.67
CA GLU A 181 5.91 39.05 18.96
C GLU A 181 5.11 37.86 19.50
N ILE A 182 4.40 37.14 18.62
CA ILE A 182 3.47 36.03 18.98
C ILE A 182 4.16 34.66 18.95
N MET A 183 5.37 34.56 18.39
CA MET A 183 6.13 33.28 18.30
C MET A 183 6.81 32.96 19.65
N THR A 184 6.87 31.68 20.06
CA THR A 184 7.51 31.27 21.32
C THR A 184 8.98 31.70 21.26
N LYS A 185 9.48 32.40 22.29
CA LYS A 185 10.86 32.96 22.33
C LYS A 185 11.94 31.88 22.42
N ASP A 186 11.77 30.90 23.32
CA ASP A 186 12.78 29.83 23.55
C ASP A 186 12.20 28.49 23.10
N VAL A 187 12.83 27.79 22.15
CA VAL A 187 12.32 26.51 21.60
C VAL A 187 13.32 25.40 21.93
N ILE A 188 12.81 24.27 22.42
CA ILE A 188 13.64 23.07 22.76
C ILE A 188 14.02 22.42 21.42
N THR A 189 15.31 22.21 21.16
CA THR A 189 15.82 21.65 19.88
C THR A 189 16.80 20.51 20.15
N GLY A 190 17.11 19.75 19.10
CA GLY A 190 18.04 18.61 19.11
C GLY A 190 19.23 18.90 18.21
N LYS A 191 20.45 18.58 18.67
CA LYS A 191 21.71 18.82 17.94
C LYS A 191 21.70 17.94 16.69
N GLN A 192 22.27 18.42 15.58
CA GLN A 192 22.34 17.67 14.30
C GLN A 192 23.25 16.45 14.52
N GLY A 193 22.97 15.36 13.81
CA GLY A 193 23.71 14.08 13.88
C GLY A 193 23.12 13.10 14.88
N ILE A 194 22.09 13.52 15.62
CA ILE A 194 21.39 12.69 16.65
C ILE A 194 20.52 11.65 15.92
N ASN A 195 20.40 10.44 16.48
CA ASN A 195 19.60 9.33 15.89
C ASN A 195 18.11 9.63 16.09
N LEU A 196 17.25 8.96 15.31
CA LEU A 196 15.78 9.15 15.36
C LEU A 196 15.25 8.72 16.73
N GLU A 197 15.72 7.59 17.25
CA GLU A 197 15.29 7.05 18.56
C GLU A 197 15.70 8.02 19.69
N GLU A 198 16.91 8.56 19.62
CA GLU A 198 17.44 9.53 20.62
C GLU A 198 16.64 10.83 20.56
N ALA A 199 16.33 11.31 19.35
CA ALA A 199 15.53 12.54 19.10
C ALA A 199 14.10 12.36 19.61
N ASN A 200 13.52 11.19 19.38
CA ASN A 200 12.14 10.83 19.80
C ASN A 200 12.05 10.87 21.32
N GLN A 201 13.10 10.38 22.00
CA GLN A 201 13.19 10.32 23.49
C GLN A 201 13.20 11.74 24.06
N ILE A 202 13.95 12.65 23.42
CA ILE A 202 14.06 14.08 23.85
C ILE A 202 12.69 14.74 23.74
N LEU A 203 11.98 14.47 22.65
CA LEU A 203 10.63 15.02 22.35
C LEU A 203 9.59 14.50 23.35
N LYS A 204 9.66 13.21 23.70
CA LYS A 204 8.72 12.55 24.64
C LYS A 204 8.87 13.16 26.04
N ASN A 205 10.10 13.35 26.50
CA ASN A 205 10.43 13.93 27.83
C ASN A 205 9.99 15.40 27.88
N THR A 206 10.25 16.15 26.81
CA THR A 206 9.96 17.60 26.68
C THR A 206 8.45 17.86 26.74
N LYS A 207 7.65 16.87 26.37
CA LYS A 207 6.17 16.94 26.31
C LYS A 207 5.76 18.14 25.44
N LYS A 208 6.43 18.32 24.30
CA LYS A 208 6.19 19.43 23.35
C LYS A 208 5.77 18.85 21.99
N GLY A 209 5.04 19.64 21.20
CA GLY A 209 4.50 19.28 19.88
C GLY A 209 5.56 19.09 18.81
N LYS A 210 6.60 19.94 18.78
CA LYS A 210 7.65 19.89 17.74
C LYS A 210 9.05 19.84 18.37
N LEU A 211 10.01 19.23 17.65
CA LEU A 211 11.42 19.09 18.07
C LEU A 211 12.32 19.50 16.89
N PRO A 212 12.48 20.80 16.59
CA PRO A 212 13.32 21.22 15.46
C PRO A 212 14.78 20.76 15.68
N ILE A 213 15.46 20.39 14.60
CA ILE A 213 16.89 19.93 14.60
C ILE A 213 17.73 21.06 14.01
N VAL A 214 18.79 21.47 14.71
CA VAL A 214 19.68 22.60 14.28
C VAL A 214 21.12 22.09 14.16
N ASP A 215 21.99 22.90 13.53
CA ASP A 215 23.43 22.60 13.31
C ASP A 215 24.25 23.33 14.39
N GLY A 218 23.73 27.97 14.55
CA GLY A 218 22.47 27.37 15.01
C GLY A 218 21.37 27.46 13.96
N CYS A 219 21.66 26.97 12.76
CA CYS A 219 20.73 26.98 11.59
C CYS A 219 19.74 25.81 11.72
N LEU A 220 18.67 25.82 10.92
CA LEU A 220 17.61 24.78 10.94
C LEU A 220 17.94 23.73 9.88
N VAL A 221 17.89 22.43 10.22
CA VAL A 221 18.20 21.32 9.29
C VAL A 221 16.91 20.54 9.02
N SER A 222 16.42 19.81 10.03
CA SER A 222 15.19 18.98 9.99
C SER A 222 14.38 19.18 11.27
N MET A 223 13.11 18.74 11.29
CA MET A 223 12.20 18.88 12.46
C MET A 223 11.47 17.56 12.74
N LEU A 224 11.17 17.29 14.01
CA LEU A 224 10.44 16.09 14.50
C LEU A 224 9.09 16.56 15.05
N SER A 225 8.02 15.82 14.76
CA SER A 225 6.64 16.18 15.19
C SER A 225 6.10 15.12 16.16
N ARG A 226 5.50 15.54 17.27
CA ARG A 226 4.88 14.66 18.30
C ARG A 226 3.74 13.86 17.63
N THR A 227 3.05 14.50 16.69
CA THR A 227 1.88 13.98 15.94
C THR A 227 2.23 12.68 15.20
N ASP A 228 3.43 12.62 14.62
CA ASP A 228 3.94 11.46 13.84
C ASP A 228 4.04 10.25 14.76
N LEU A 229 4.48 10.46 16.00
CA LEU A 229 4.62 9.39 17.03
C LEU A 229 3.23 8.81 17.31
N MET A 230 2.23 9.69 17.38
CA MET A 230 0.81 9.34 17.62
C MET A 230 0.26 8.57 16.41
N LYS A 231 0.63 8.97 15.20
CA LYS A 231 0.20 8.33 13.93
C LYS A 231 0.76 6.90 13.91
N ASN A 232 2.03 6.73 14.29
CA ASN A 232 2.73 5.42 14.34
C ASN A 232 2.10 4.53 15.41
N GLN A 233 1.73 5.11 16.56
CA GLN A 233 1.09 4.41 17.70
C GLN A 233 -0.31 3.94 17.30
N SER A 234 -1.10 4.83 16.68
CA SER A 234 -2.50 4.58 16.25
C SER A 234 -2.56 3.52 15.14
N TYR A 235 -1.64 3.57 14.18
CA TYR A 235 -1.55 2.63 13.03
C TYR A 235 -0.22 1.88 13.10
N PRO A 236 -0.14 0.72 13.78
CA PRO A 236 1.09 -0.07 13.89
C PRO A 236 1.36 -1.03 12.73
N LEU A 237 0.37 -1.24 11.86
CA LEU A 237 0.44 -2.12 10.67
C LEU A 237 0.57 -1.30 9.39
N ALA A 238 0.86 0.00 9.51
CA ALA A 238 0.95 0.96 8.39
C ALA A 238 2.14 0.57 7.48
N SER A 239 1.97 0.74 6.16
CA SER A 239 3.01 0.43 5.15
C SER A 239 3.82 1.71 4.88
N LYS A 240 5.02 1.82 5.44
CA LYS A 240 5.86 3.04 5.30
C LYS A 240 7.32 2.63 5.05
N SER A 241 8.16 3.59 4.66
CA SER A 241 9.60 3.33 4.40
C SER A 241 10.31 3.18 5.75
N ALA A 242 11.06 2.09 5.97
CA ALA A 242 11.76 1.82 7.24
C ALA A 242 12.85 2.89 7.45
N ASP A 243 13.56 3.24 6.37
CA ASP A 243 14.66 4.23 6.37
C ASP A 243 14.15 5.64 6.67
N THR A 244 13.03 6.06 6.08
CA THR A 244 12.49 7.43 6.24
C THR A 244 11.26 7.48 7.16
N LYS A 245 10.57 6.35 7.38
CA LYS A 245 9.37 6.31 8.27
C LYS A 245 8.21 7.03 7.58
N GLN A 246 8.17 6.98 6.24
CA GLN A 246 7.13 7.63 5.39
C GLN A 246 6.26 6.53 4.77
N LEU A 247 4.97 6.82 4.57
CA LEU A 247 3.98 5.85 4.00
C LEU A 247 4.39 5.50 2.57
N LEU A 248 4.33 4.22 2.20
CA LEU A 248 4.67 3.76 0.84
C LEU A 248 3.59 4.28 -0.12
N CYS A 249 3.98 4.82 -1.27
CA CYS A 249 3.03 5.37 -2.27
C CYS A 249 3.26 4.71 -3.65
N GLY A 250 2.18 4.43 -4.37
CA GLY A 250 2.22 3.83 -5.72
C GLY A 250 1.47 4.72 -6.70
N ALA A 251 1.87 4.72 -7.98
CA ALA A 251 1.24 5.56 -9.03
C ALA A 251 1.06 4.73 -10.31
N ALA A 252 0.13 5.15 -11.16
CA ALA A 252 -0.23 4.51 -12.44
C ALA A 252 0.23 5.42 -13.60
N ILE A 253 0.96 4.90 -14.58
CA ILE A 253 1.49 5.68 -15.73
C ILE A 253 1.22 4.93 -17.05
N GLY A 254 1.29 5.66 -18.16
CA GLY A 254 1.10 5.14 -19.53
C GLY A 254 2.38 4.52 -20.06
N THR A 255 2.31 3.81 -21.18
CA THR A 255 3.47 3.15 -21.85
C THR A 255 4.03 4.05 -22.97
N ILE A 256 3.49 5.24 -23.15
CA ILE A 256 3.91 6.22 -24.20
C ILE A 256 5.18 6.94 -23.72
N ASP A 257 5.83 7.64 -24.65
CA ASP A 257 7.09 8.41 -24.48
C ASP A 257 6.88 9.57 -23.52
N ALA A 258 5.67 10.17 -23.57
CA ALA A 258 5.22 11.33 -22.76
C ALA A 258 5.15 10.96 -21.28
N ASP A 259 4.97 9.66 -20.98
CA ASP A 259 4.89 9.12 -19.61
C ASP A 259 6.29 8.96 -19.01
N ARG A 260 7.33 9.02 -19.84
CA ARG A 260 8.75 8.91 -19.39
C ARG A 260 9.05 10.10 -18.48
N GLN A 261 8.69 11.31 -18.94
CA GLN A 261 8.85 12.59 -18.21
C GLN A 261 7.91 12.62 -17.00
N ARG A 262 6.66 12.16 -17.17
CA ARG A 262 5.63 12.14 -16.10
C ARG A 262 6.14 11.29 -14.93
N LEU A 263 6.78 10.16 -15.25
CA LEU A 263 7.35 9.21 -14.24
C LEU A 263 8.47 9.91 -13.48
N ALA A 264 9.29 10.71 -14.17
CA ALA A 264 10.45 11.43 -13.61
C ALA A 264 9.97 12.36 -12.48
N MET A 265 8.90 13.10 -12.75
CA MET A 265 8.27 14.06 -11.80
C MET A 265 7.71 13.29 -10.60
N LEU A 266 7.06 12.14 -10.85
CA LEU A 266 6.46 11.26 -9.81
C LEU A 266 7.58 10.67 -8.93
N VAL A 267 8.67 10.20 -9.54
CA VAL A 267 9.85 9.59 -8.85
C VAL A 267 10.47 10.63 -7.91
N GLU A 268 10.50 11.89 -8.37
CA GLU A 268 11.06 13.09 -7.67
C GLU A 268 10.25 13.35 -6.41
N ALA A 269 8.97 12.95 -6.42
CA ALA A 269 7.99 13.13 -5.32
C ALA A 269 8.10 12.03 -4.27
N GLY A 270 9.04 11.09 -4.44
CA GLY A 270 9.26 9.98 -3.50
C GLY A 270 8.47 8.73 -3.84
N LEU A 271 7.93 8.62 -5.06
CA LEU A 271 7.10 7.45 -5.48
C LEU A 271 7.93 6.17 -5.24
N ASP A 272 7.33 5.16 -4.60
CA ASP A 272 7.99 3.89 -4.23
C ASP A 272 7.79 2.81 -5.30
N VAL A 273 6.56 2.60 -5.75
CA VAL A 273 6.21 1.55 -6.76
C VAL A 273 5.48 2.18 -7.93
N VAL A 274 5.83 1.79 -9.16
CA VAL A 274 5.21 2.27 -10.43
C VAL A 274 4.50 1.09 -11.07
N VAL A 275 3.24 1.27 -11.46
CA VAL A 275 2.42 0.20 -12.10
C VAL A 275 2.25 0.61 -13.57
N LEU A 276 2.64 -0.24 -14.52
CA LEU A 276 2.46 0.09 -15.96
C LEU A 276 0.98 -0.19 -16.27
N ASP A 277 0.20 0.83 -16.62
CA ASP A 277 -1.26 0.71 -16.83
C ASP A 277 -1.57 0.42 -18.30
N SER A 278 -1.87 -0.85 -18.64
CA SER A 278 -2.24 -1.29 -20.01
C SER A 278 -3.31 -2.40 -19.93
N SER A 279 -4.30 -2.38 -20.82
CA SER A 279 -5.36 -3.43 -20.91
C SER A 279 -4.68 -4.74 -21.32
N GLN A 280 -3.73 -4.64 -22.27
CA GLN A 280 -2.85 -5.73 -22.74
C GLN A 280 -1.41 -5.23 -22.49
N GLY A 281 -0.67 -5.85 -21.57
CA GLY A 281 0.68 -5.41 -21.20
C GLY A 281 1.80 -6.11 -21.97
N ASN A 282 1.48 -7.12 -22.78
CA ASN A 282 2.49 -7.88 -23.57
C ASN A 282 2.75 -7.17 -24.89
N SER A 283 3.36 -5.99 -24.85
CA SER A 283 3.69 -5.16 -26.03
C SER A 283 5.16 -4.76 -25.98
N VAL A 284 5.74 -4.41 -27.12
CA VAL A 284 7.17 -3.99 -27.25
C VAL A 284 7.33 -2.68 -26.48
N PHE A 285 6.35 -1.78 -26.58
CA PHE A 285 6.36 -0.45 -25.92
C PHE A 285 6.50 -0.60 -24.41
N GLN A 286 5.64 -1.41 -23.78
CA GLN A 286 5.67 -1.65 -22.32
C GLN A 286 6.97 -2.38 -21.96
N ILE A 287 7.39 -3.35 -22.77
CA ILE A 287 8.65 -4.12 -22.57
C ILE A 287 9.82 -3.14 -22.61
N ASN A 288 9.84 -2.21 -23.58
CA ASN A 288 10.90 -1.19 -23.74
C ASN A 288 10.85 -0.24 -22.54
N MET A 289 9.66 0.17 -22.10
CA MET A 289 9.47 1.06 -20.93
C MET A 289 9.99 0.40 -19.67
N ILE A 290 9.73 -0.85 -19.46
CA ILE A 290 10.20 -1.54 -18.22
C ILE A 290 11.73 -1.40 -18.15
N LYS A 291 12.41 -1.68 -19.26
CA LYS A 291 13.89 -1.62 -19.35
C LYS A 291 14.36 -0.18 -19.12
N TRP A 292 13.66 0.78 -19.73
CA TRP A 292 14.03 2.21 -19.59
C TRP A 292 13.92 2.62 -18.13
N ILE A 293 12.83 2.26 -17.46
CA ILE A 293 12.58 2.62 -16.03
C ILE A 293 13.65 1.98 -15.14
N LYS A 294 14.03 0.73 -15.38
CA LYS A 294 15.05 0.02 -14.57
C LYS A 294 16.41 0.71 -14.70
N GLU A 295 16.79 1.08 -15.93
CA GLU A 295 18.08 1.77 -16.24
C GLU A 295 18.08 3.20 -15.70
N THR A 296 16.96 3.93 -15.89
CA THR A 296 16.78 5.34 -15.48
C THR A 296 16.54 5.50 -13.97
N PHE A 297 15.69 4.66 -13.38
CA PHE A 297 15.30 4.70 -11.94
C PHE A 297 15.43 3.29 -11.35
N PRO A 298 16.65 2.80 -11.05
CA PRO A 298 16.87 1.45 -10.55
C PRO A 298 16.20 1.08 -9.23
N ASP A 299 16.13 2.02 -8.29
CA ASP A 299 15.56 1.83 -6.92
C ASP A 299 14.05 1.60 -6.99
N LEU A 300 13.40 2.11 -8.04
CA LEU A 300 11.94 2.03 -8.24
C LEU A 300 11.53 0.59 -8.51
N GLN A 301 10.42 0.14 -7.93
CA GLN A 301 9.84 -1.21 -8.12
C GLN A 301 8.80 -1.06 -9.23
N VAL A 302 8.86 -1.89 -10.28
CA VAL A 302 7.95 -1.77 -11.45
C VAL A 302 6.98 -2.95 -11.46
N ILE A 303 5.68 -2.67 -11.57
CA ILE A 303 4.62 -3.71 -11.68
C ILE A 303 4.18 -3.67 -13.15
N ALA A 304 4.35 -4.76 -13.89
CA ALA A 304 4.05 -4.87 -15.34
C ALA A 304 2.75 -5.65 -15.56
N GLY A 305 2.04 -5.30 -16.63
CA GLY A 305 0.76 -5.93 -17.02
C GLY A 305 -0.21 -4.91 -17.60
N ASN A 306 -1.40 -5.36 -18.00
CA ASN A 306 -2.13 -6.51 -17.41
C ASN A 306 -1.91 -7.77 -18.26
N VAL A 307 -1.64 -8.92 -17.65
CA VAL A 307 -1.40 -10.22 -18.34
C VAL A 307 -2.39 -11.27 -17.84
N VAL A 308 -3.08 -11.99 -18.73
CA VAL A 308 -4.05 -13.06 -18.37
C VAL A 308 -3.56 -14.44 -18.82
N THR A 309 -2.38 -14.54 -19.46
CA THR A 309 -1.85 -15.84 -19.97
C THR A 309 -0.40 -16.06 -19.53
N ARG A 310 0.04 -17.32 -19.53
CA ARG A 310 1.39 -17.80 -19.14
C ARG A 310 2.47 -17.18 -20.04
N GLU A 311 2.23 -17.12 -21.35
CA GLU A 311 3.20 -16.59 -22.35
C GLU A 311 3.44 -15.10 -22.08
N GLN A 312 2.38 -14.34 -21.82
CA GLN A 312 2.43 -12.88 -21.54
C GLN A 312 3.28 -12.62 -20.30
N ALA A 313 3.11 -13.43 -19.25
CA ALA A 313 3.82 -13.30 -17.97
C ALA A 313 5.31 -13.54 -18.17
N ALA A 314 5.67 -14.56 -18.94
CA ALA A 314 7.07 -14.93 -19.25
C ALA A 314 7.77 -13.75 -19.94
N SER A 315 7.12 -13.15 -20.92
CA SER A 315 7.66 -12.00 -21.71
C SER A 315 7.89 -10.79 -20.81
N LEU A 316 6.90 -10.43 -19.99
CA LEU A 316 6.96 -9.27 -19.05
C LEU A 316 7.99 -9.51 -17.95
N ILE A 317 8.13 -10.76 -17.50
CA ILE A 317 9.09 -11.14 -16.42
C ILE A 317 10.52 -11.04 -16.96
N HIS A 318 10.74 -11.47 -18.20
CA HIS A 318 12.04 -11.47 -18.92
C HIS A 318 12.57 -10.04 -19.08
N ALA A 319 11.67 -9.05 -19.08
CA ALA A 319 12.00 -7.61 -19.27
C ALA A 319 12.59 -7.04 -17.98
N ALA A 321 10.45 -6.98 -14.75
CA ALA A 321 9.14 -6.74 -14.09
C ALA A 321 9.24 -7.10 -12.60
N ASP A 322 9.10 -6.13 -11.68
CA ASP A 322 9.16 -6.35 -10.21
C ASP A 322 7.93 -7.17 -9.78
N GLY A 323 6.77 -6.83 -10.34
CA GLY A 323 5.48 -7.51 -10.07
C GLY A 323 4.65 -7.64 -11.32
N LEU A 324 3.58 -8.45 -11.26
CA LEU A 324 2.67 -8.70 -12.41
C LEU A 324 1.23 -8.35 -11.99
N ARG A 325 0.49 -7.65 -12.85
CA ARG A 325 -0.93 -7.30 -12.61
C ARG A 325 -1.76 -8.27 -13.46
N ILE A 326 -2.65 -9.07 -12.85
CA ILE A 326 -3.46 -10.09 -13.58
C ILE A 326 -4.92 -9.62 -13.66
N GLY A 327 -5.55 -9.78 -14.82
CA GLY A 327 -6.97 -9.42 -15.04
C GLY A 327 -7.23 -8.82 -16.41
N MET A 328 -8.16 -9.39 -17.21
CA MET A 328 -8.58 -8.85 -18.53
C MET A 328 -10.01 -9.34 -18.83
N MET A 340 -13.68 -8.16 -23.52
CA MET A 340 -14.94 -8.87 -23.88
C MET A 340 -14.64 -9.92 -24.95
N ALA A 341 -14.27 -9.48 -26.16
CA ALA A 341 -13.89 -10.36 -27.29
C ALA A 341 -12.60 -11.09 -26.94
N CYS A 342 -11.67 -10.34 -26.34
CA CYS A 342 -10.34 -10.78 -25.88
C CYS A 342 -10.30 -10.62 -24.35
N GLY A 343 -9.94 -11.68 -23.62
CA GLY A 343 -9.87 -11.72 -22.14
C GLY A 343 -9.89 -13.15 -21.63
N ARG A 344 -9.92 -13.34 -20.31
CA ARG A 344 -9.92 -14.70 -19.70
C ARG A 344 -10.69 -14.69 -18.37
N PRO A 345 -11.35 -15.78 -17.94
CA PRO A 345 -11.99 -15.82 -16.63
C PRO A 345 -10.88 -15.59 -15.59
N GLN A 346 -11.15 -14.79 -14.56
CA GLN A 346 -10.15 -14.36 -13.54
C GLN A 346 -9.57 -15.53 -12.76
N GLY A 347 -10.40 -16.49 -12.33
CA GLY A 347 -9.90 -17.64 -11.56
C GLY A 347 -8.88 -18.45 -12.34
N THR A 348 -9.18 -18.72 -13.61
CA THR A 348 -8.31 -19.49 -14.54
C THR A 348 -7.04 -18.70 -14.87
N ALA A 349 -7.17 -17.39 -15.06
CA ALA A 349 -6.04 -16.48 -15.42
C ALA A 349 -5.05 -16.36 -14.26
N VAL A 350 -5.53 -16.22 -13.03
CA VAL A 350 -4.69 -16.05 -11.81
C VAL A 350 -3.85 -17.31 -11.56
N TYR A 351 -4.46 -18.50 -11.61
CA TYR A 351 -3.76 -19.79 -11.35
C TYR A 351 -2.70 -20.09 -12.43
N ASN A 352 -3.05 -19.95 -13.70
CA ASN A 352 -2.12 -20.25 -14.84
C ASN A 352 -0.95 -19.27 -14.83
N VAL A 353 -1.20 -17.97 -14.70
CA VAL A 353 -0.15 -16.91 -14.68
C VAL A 353 0.71 -17.06 -13.43
N THR A 354 0.07 -17.18 -12.26
CA THR A 354 0.70 -17.26 -10.92
C THR A 354 1.55 -18.52 -10.81
N GLN A 355 1.10 -19.64 -11.38
CA GLN A 355 1.81 -20.93 -11.31
C GLN A 355 3.19 -20.77 -11.94
N PHE A 356 3.28 -20.18 -13.13
CA PHE A 356 4.55 -19.90 -13.87
C PHE A 356 5.35 -18.77 -13.20
N ALA A 357 4.68 -17.65 -12.87
CA ALA A 357 5.25 -16.42 -12.29
C ALA A 357 5.84 -16.65 -10.90
N ASN A 358 5.18 -17.49 -10.08
CA ASN A 358 5.56 -17.78 -8.67
C ASN A 358 6.92 -18.47 -8.59
N GLN A 359 7.28 -19.23 -9.63
CA GLN A 359 8.53 -20.02 -9.75
C GLN A 359 9.73 -19.08 -9.77
N PHE A 360 9.58 -17.91 -10.40
CA PHE A 360 10.63 -16.88 -10.56
C PHE A 360 10.64 -15.89 -9.38
N GLY A 361 9.74 -16.09 -8.40
CA GLY A 361 9.66 -15.24 -7.21
C GLY A 361 9.00 -13.90 -7.47
N VAL A 362 8.19 -13.80 -8.53
CA VAL A 362 7.50 -12.53 -8.91
C VAL A 362 6.11 -12.51 -8.29
N PRO A 363 5.81 -11.63 -7.32
CA PRO A 363 4.48 -11.55 -6.72
C PRO A 363 3.49 -11.03 -7.78
N CYS A 364 2.28 -11.60 -7.81
CA CYS A 364 1.22 -11.25 -8.78
C CYS A 364 0.02 -10.61 -8.06
N ILE A 365 -0.56 -9.57 -8.63
CA ILE A 365 -1.74 -8.85 -8.06
C ILE A 365 -2.97 -9.37 -8.80
N ALA A 366 -4.00 -9.84 -8.09
CA ALA A 366 -5.26 -10.29 -8.71
C ALA A 366 -6.15 -9.05 -8.83
N ASP A 367 -6.33 -8.52 -10.05
CA ASP A 367 -7.06 -7.25 -10.27
C ASP A 367 -8.41 -7.47 -10.96
N GLY A 368 -9.50 -6.99 -10.36
CA GLY A 368 -10.87 -7.04 -10.90
C GLY A 368 -11.65 -8.27 -10.44
N GLY A 369 -12.95 -8.10 -10.24
CA GLY A 369 -13.88 -9.18 -9.84
C GLY A 369 -13.91 -9.43 -8.34
N VAL A 370 -13.24 -8.60 -7.55
CA VAL A 370 -13.17 -8.77 -6.07
C VAL A 370 -14.22 -7.90 -5.38
N GLN A 371 -15.33 -8.48 -4.91
CA GLN A 371 -16.41 -7.73 -4.21
C GLN A 371 -16.61 -8.16 -2.76
N ASN A 372 -15.94 -9.22 -2.29
CA ASN A 372 -16.11 -9.75 -0.91
C ASN A 372 -14.84 -10.47 -0.46
N ILE A 373 -14.82 -10.90 0.81
CA ILE A 373 -13.68 -11.58 1.49
C ILE A 373 -13.42 -12.93 0.82
N GLY A 374 -14.49 -13.61 0.39
CA GLY A 374 -14.41 -14.92 -0.27
C GLY A 374 -13.57 -14.83 -1.54
N HIS A 375 -13.77 -13.78 -2.33
CA HIS A 375 -13.03 -13.52 -3.60
C HIS A 375 -11.54 -13.33 -3.27
N ILE A 376 -11.24 -12.56 -2.22
CA ILE A 376 -9.86 -12.27 -1.75
C ILE A 376 -9.19 -13.58 -1.35
N THR A 377 -9.88 -14.43 -0.59
CA THR A 377 -9.38 -15.74 -0.10
C THR A 377 -9.14 -16.68 -1.29
N LYS A 378 -10.09 -16.75 -2.22
CA LYS A 378 -10.01 -17.62 -3.42
C LYS A 378 -8.88 -17.16 -4.33
N ALA A 379 -8.73 -15.85 -4.55
CA ALA A 379 -7.69 -15.27 -5.44
C ALA A 379 -6.29 -15.65 -4.92
N ILE A 380 -6.05 -15.50 -3.62
CA ILE A 380 -4.76 -15.83 -2.95
C ILE A 380 -4.51 -17.34 -3.01
N ALA A 381 -5.57 -18.14 -2.82
CA ALA A 381 -5.55 -19.62 -2.86
C ALA A 381 -5.09 -20.10 -4.24
N LEU A 382 -5.42 -19.34 -5.29
CA LEU A 382 -5.10 -19.66 -6.70
C LEU A 382 -3.65 -19.28 -7.04
N GLY A 383 -2.90 -18.73 -6.08
CA GLY A 383 -1.48 -18.36 -6.26
C GLY A 383 -1.19 -16.86 -6.28
N ALA A 384 -2.20 -16.01 -6.14
CA ALA A 384 -2.03 -14.54 -6.12
C ALA A 384 -1.38 -14.11 -4.81
N SER A 385 -0.53 -13.08 -4.83
CA SER A 385 0.18 -12.54 -3.64
C SER A 385 -0.66 -11.45 -2.98
N THR A 386 -1.22 -10.53 -3.78
CA THR A 386 -2.10 -9.42 -3.33
C THR A 386 -3.30 -9.32 -4.28
N VAL A 387 -4.37 -8.67 -3.84
CA VAL A 387 -5.63 -8.49 -4.62
C VAL A 387 -5.87 -6.98 -4.77
N MET A 388 -6.31 -6.53 -5.94
CA MET A 388 -6.59 -5.10 -6.23
C MET A 388 -8.10 -4.88 -6.10
N MET A 389 -8.51 -3.86 -5.35
CA MET A 389 -9.94 -3.51 -5.12
C MET A 389 -10.24 -2.12 -5.70
N GLY A 390 -11.22 -2.02 -6.61
CA GLY A 390 -11.63 -0.74 -7.21
C GLY A 390 -13.12 -0.39 -7.23
N GLY A 391 -13.99 -1.34 -7.13
CA GLY A 391 -15.46 -1.15 -7.13
C GLY A 391 -15.82 -1.12 -5.66
N MET A 392 -15.19 -1.96 -4.83
CA MET A 392 -15.45 -2.07 -3.37
C MET A 392 -15.06 -0.76 -2.67
N LEU A 393 -13.85 -0.27 -2.92
CA LEU A 393 -13.27 0.95 -2.29
C LEU A 393 -14.06 2.17 -2.71
N ALA A 394 -14.63 2.16 -3.92
CA ALA A 394 -15.45 3.27 -4.47
C ALA A 394 -16.71 3.36 -3.59
N GLY A 395 -17.12 4.58 -3.26
CA GLY A 395 -18.27 4.85 -2.38
C GLY A 395 -17.85 5.01 -0.92
N THR A 396 -16.56 4.82 -0.62
CA THR A 396 -15.98 5.05 0.72
C THR A 396 -15.70 6.56 0.85
N THR A 397 -15.55 7.06 2.08
CA THR A 397 -15.29 8.49 2.39
C THR A 397 -13.92 8.90 1.84
N GLU A 398 -12.92 8.02 1.95
CA GLU A 398 -11.51 8.27 1.50
C GLU A 398 -11.44 8.37 -0.02
N SER A 399 -12.45 7.83 -0.72
CA SER A 399 -12.53 7.83 -2.21
C SER A 399 -12.85 9.24 -2.70
N PRO A 400 -12.43 9.64 -3.92
CA PRO A 400 -12.70 10.99 -4.44
C PRO A 400 -14.22 11.26 -4.46
N GLY A 401 -14.64 12.49 -4.20
CA GLY A 401 -16.06 12.88 -4.17
C GLY A 401 -16.57 13.04 -2.76
N ASP A 456 -22.70 4.67 -0.55
CA ASP A 456 -21.73 4.97 0.54
C ASP A 456 -21.46 3.68 1.33
N LYS A 457 -20.19 3.28 1.43
CA LYS A 457 -19.74 2.08 2.18
C LYS A 457 -19.08 2.47 3.51
N GLY A 458 -19.00 3.76 3.83
CA GLY A 458 -18.37 4.26 5.07
C GLY A 458 -16.87 4.47 4.88
N SER A 459 -16.16 4.85 5.95
CA SER A 459 -14.69 5.09 5.92
C SER A 459 -13.97 3.75 5.83
N ILE A 460 -12.85 3.73 5.09
CA ILE A 460 -11.98 2.54 4.83
C ILE A 460 -11.30 2.14 6.13
N LYS A 461 -11.23 3.06 7.09
CA LYS A 461 -10.58 2.85 8.42
C LYS A 461 -11.31 1.71 9.12
N LYS A 462 -12.65 1.76 9.14
CA LYS A 462 -13.53 0.71 9.69
C LYS A 462 -13.56 -0.51 8.74
N TYR A 463 -13.75 -0.26 7.44
CA TYR A 463 -13.90 -1.29 6.37
C TYR A 463 -12.65 -2.14 6.15
N ILE A 464 -11.46 -1.54 6.05
CA ILE A 464 -10.20 -2.31 5.82
C ILE A 464 -9.93 -3.24 7.00
N PRO A 465 -10.16 -2.81 8.27
CA PRO A 465 -9.96 -3.68 9.43
C PRO A 465 -10.88 -4.91 9.35
N TYR A 466 -12.10 -4.71 8.82
CA TYR A 466 -13.14 -5.76 8.69
C TYR A 466 -12.67 -6.84 7.70
N LEU A 467 -12.14 -6.42 6.56
CA LEU A 467 -11.62 -7.33 5.49
C LEU A 467 -10.43 -8.12 6.04
N TYR A 468 -9.55 -7.45 6.79
CA TYR A 468 -8.33 -8.05 7.40
C TYR A 468 -8.74 -9.13 8.40
N ASN A 469 -9.72 -8.84 9.25
CA ASN A 469 -10.25 -9.79 10.27
C ASN A 469 -10.90 -10.97 9.56
N GLY A 470 -11.72 -10.70 8.53
CA GLY A 470 -12.44 -11.71 7.75
C GLY A 470 -11.51 -12.70 7.09
N LEU A 471 -10.40 -12.20 6.53
CA LEU A 471 -9.37 -13.03 5.85
C LEU A 471 -8.72 -13.96 6.88
N GLN A 472 -8.49 -13.47 8.10
CA GLN A 472 -7.86 -14.26 9.19
C GLN A 472 -8.76 -15.44 9.54
N HIS A 473 -10.08 -15.20 9.69
CA HIS A 473 -11.09 -16.23 10.03
C HIS A 473 -11.16 -17.28 8.93
N SER A 474 -11.16 -16.85 7.66
CA SER A 474 -11.22 -17.75 6.47
C SER A 474 -9.97 -18.63 6.46
N CYS A 475 -8.82 -18.04 6.80
CA CYS A 475 -7.51 -18.74 6.89
C CYS A 475 -7.57 -19.78 8.02
N GLN A 476 -8.19 -19.44 9.15
CA GLN A 476 -8.33 -20.34 10.32
C GLN A 476 -9.20 -21.54 9.96
N ASP A 477 -10.32 -21.33 9.28
CA ASP A 477 -11.26 -22.41 8.86
C ASP A 477 -10.51 -23.39 7.96
N ILE A 478 -9.68 -22.85 7.05
CA ILE A 478 -8.84 -23.61 6.08
C ILE A 478 -7.76 -24.41 6.82
N GLY A 479 -7.28 -23.91 7.97
CA GLY A 479 -6.24 -24.59 8.77
C GLY A 479 -4.83 -24.06 8.51
N VAL A 480 -4.70 -22.86 7.94
CA VAL A 480 -3.39 -22.22 7.62
C VAL A 480 -3.22 -20.98 8.51
N ARG A 481 -2.06 -20.83 9.17
CA ARG A 481 -1.77 -19.74 10.14
C ARG A 481 -1.19 -18.50 9.44
N SER A 482 -0.78 -18.62 8.18
CA SER A 482 -0.21 -17.49 7.38
C SER A 482 -0.56 -17.66 5.91
N LEU A 483 -0.47 -16.57 5.14
CA LEU A 483 -0.72 -16.54 3.68
C LEU A 483 0.37 -17.39 3.00
N VAL A 484 1.59 -17.33 3.54
CA VAL A 484 2.78 -18.08 3.04
C VAL A 484 2.50 -19.58 3.18
N GLU A 485 1.98 -19.99 4.35
CA GLU A 485 1.64 -21.41 4.65
C GLU A 485 0.50 -21.85 3.72
N PHE A 486 -0.48 -20.96 3.52
CA PHE A 486 -1.67 -21.20 2.67
C PHE A 486 -1.20 -21.53 1.25
N ARG A 487 -0.28 -20.72 0.73
CA ARG A 487 0.32 -20.89 -0.63
C ARG A 487 1.04 -22.24 -0.70
N GLU A 488 1.84 -22.56 0.32
CA GLU A 488 2.64 -23.83 0.39
C GLU A 488 1.70 -25.03 0.47
N LYS A 489 0.68 -24.97 1.34
CA LYS A 489 -0.30 -26.06 1.57
C LYS A 489 -1.12 -26.32 0.31
N VAL A 490 -1.56 -25.26 -0.38
CA VAL A 490 -2.36 -25.35 -1.64
C VAL A 490 -1.51 -26.00 -2.73
N ASP A 491 -0.26 -25.54 -2.86
CA ASP A 491 0.75 -26.02 -3.85
C ASP A 491 1.12 -27.47 -3.53
N SER A 492 1.18 -27.84 -2.25
CA SER A 492 1.52 -29.19 -1.77
C SER A 492 0.34 -30.16 -1.94
N GLY A 493 -0.86 -29.63 -2.22
CA GLY A 493 -2.08 -30.43 -2.42
C GLY A 493 -2.83 -30.70 -1.12
N SER A 494 -2.33 -30.18 0.01
CA SER A 494 -2.95 -30.37 1.34
C SER A 494 -4.33 -29.71 1.34
N VAL A 495 -4.42 -28.48 0.82
CA VAL A 495 -5.67 -27.70 0.71
C VAL A 495 -6.53 -28.36 -0.38
N ARG A 496 -7.83 -28.52 -0.16
CA ARG A 496 -8.74 -29.18 -1.14
C ARG A 496 -9.80 -28.18 -1.62
N PHE A 497 -10.31 -28.36 -2.83
CA PHE A 497 -11.32 -27.48 -3.48
C PHE A 497 -12.47 -28.32 -4.03
N GLU A 498 -13.65 -27.72 -4.17
CA GLU A 498 -14.86 -28.37 -4.73
C GLU A 498 -15.45 -27.45 -5.81
N PHE A 499 -15.71 -27.96 -7.01
CA PHE A 499 -16.34 -27.17 -8.11
C PHE A 499 -17.78 -26.92 -7.69
N ARG A 500 -18.30 -25.71 -7.88
CA ARG A 500 -19.67 -25.32 -7.48
C ARG A 500 -20.60 -25.30 -8.71
N THR A 501 -21.70 -26.05 -8.68
CA THR A 501 -22.68 -26.16 -9.79
C THR A 501 -23.57 -24.92 -9.80
N PRO A 502 -24.13 -24.48 -10.96
CA PRO A 502 -24.99 -23.30 -11.00
C PRO A 502 -26.38 -23.58 -10.38
#